data_4X01
#
_entry.id   4X01
#
_cell.length_a   49.071
_cell.length_b   156.677
_cell.length_c   48.927
_cell.angle_alpha   90.00
_cell.angle_beta   118.55
_cell.angle_gamma   90.00
#
_symmetry.space_group_name_H-M   'P 1 21 1'
#
loop_
_entity.id
_entity.type
_entity.pdbx_description
1 polymer 'DNA binding ctp1'
2 non-polymer 1,2-ETHANEDIOL
3 water water
#
_entity_poly.entity_id   1
_entity_poly.type   'polypeptide(L)'
_entity_poly.pdbx_seq_one_letter_code
;MEHNKSVHWSIVYRQLGNLLEQYEVEIARLKSQLVLEKKLRIQVEKEMESVKTKQIS
;
_entity_poly.pdbx_strand_id   A,B,C,D,E,F,G,H
#
loop_
_chem_comp.id
_chem_comp.type
_chem_comp.name
_chem_comp.formula
EDO non-polymer 1,2-ETHANEDIOL 'C2 H6 O2'
#
# COMPACT_ATOMS: atom_id res chain seq x y z
N SER A 6 18.93 -15.48 22.48
CA SER A 6 18.94 -14.88 21.15
C SER A 6 20.31 -15.01 20.49
N VAL A 7 20.41 -14.47 19.28
CA VAL A 7 21.65 -14.48 18.50
C VAL A 7 21.85 -13.09 17.91
N HIS A 8 23.05 -12.52 18.08
CA HIS A 8 23.31 -11.17 17.57
C HIS A 8 23.10 -11.13 16.05
N TRP A 9 22.51 -10.06 15.56
CA TRP A 9 22.23 -9.91 14.15
C TRP A 9 23.45 -10.14 13.22
N SER A 10 24.65 -9.87 13.71
CA SER A 10 25.82 -9.97 12.85
C SER A 10 26.10 -11.42 12.45
N ILE A 11 25.64 -12.38 13.25
CA ILE A 11 25.83 -13.79 12.90
C ILE A 11 25.08 -14.17 11.64
N VAL A 12 23.82 -13.73 11.60
CA VAL A 12 22.93 -13.90 10.46
C VAL A 12 23.42 -13.11 9.24
N TYR A 13 23.76 -11.85 9.47
CA TYR A 13 24.29 -11.00 8.42
C TYR A 13 25.53 -11.63 7.74
N ARG A 14 26.48 -12.10 8.57
CA ARG A 14 27.67 -12.79 8.06
C ARG A 14 27.35 -14.08 7.31
N GLN A 15 26.40 -14.87 7.80
CA GLN A 15 26.03 -16.11 7.12
C GLN A 15 25.49 -15.81 5.73
N LEU A 16 24.64 -14.78 5.64
CA LEU A 16 24.12 -14.39 4.33
C LEU A 16 25.25 -13.94 3.39
N GLY A 17 26.11 -13.07 3.89
CA GLY A 17 27.28 -12.66 3.12
C GLY A 17 28.09 -13.83 2.59
N ASN A 18 28.35 -14.80 3.45
CA ASN A 18 29.14 -15.98 3.04
C ASN A 18 28.39 -16.83 2.00
N LEU A 19 27.05 -16.83 2.05
CA LEU A 19 26.28 -17.54 1.03
C LEU A 19 26.44 -16.87 -0.32
N LEU A 20 26.31 -15.55 -0.32
CA LEU A 20 26.44 -14.78 -1.57
C LEU A 20 27.82 -15.01 -2.20
N GLU A 21 28.87 -14.88 -1.38
CA GLU A 21 30.22 -15.11 -1.87
C GLU A 21 30.43 -16.56 -2.37
N GLN A 22 30.05 -17.56 -1.56
CA GLN A 22 30.18 -18.96 -1.98
C GLN A 22 29.50 -19.23 -3.31
N TYR A 23 28.30 -18.69 -3.52
CA TYR A 23 27.61 -18.97 -4.79
C TYR A 23 28.26 -18.26 -5.96
N GLU A 24 28.73 -17.04 -5.76
CA GLU A 24 29.40 -16.37 -6.87
C GLU A 24 30.66 -17.15 -7.29
N VAL A 25 31.40 -17.63 -6.29
CA VAL A 25 32.64 -18.37 -6.55
C VAL A 25 32.33 -19.75 -7.17
N GLU A 26 31.30 -20.44 -6.66
CA GLU A 26 30.94 -21.72 -7.21
C GLU A 26 30.54 -21.57 -8.67
N ILE A 27 29.85 -20.48 -8.98
CA ILE A 27 29.44 -20.23 -10.36
C ILE A 27 30.65 -20.00 -11.29
N ALA A 28 31.62 -19.21 -10.84
CA ALA A 28 32.85 -19.04 -11.63
C ALA A 28 33.59 -20.36 -11.81
N ARG A 29 33.64 -21.15 -10.73
CA ARG A 29 34.29 -22.46 -10.77
C ARG A 29 33.64 -23.39 -11.81
N LEU A 30 32.31 -23.53 -11.74
CA LEU A 30 31.57 -24.41 -12.64
C LEU A 30 31.70 -23.94 -14.08
N LYS A 31 31.68 -22.62 -14.28
CA LYS A 31 31.90 -22.11 -15.64
C LYS A 31 33.28 -22.44 -16.21
N SER A 32 34.34 -22.31 -15.41
CA SER A 32 35.65 -22.65 -15.99
C SER A 32 35.75 -24.18 -16.24
N GLN A 33 35.20 -24.97 -15.31
CA GLN A 33 35.17 -26.42 -15.49
C GLN A 33 34.42 -26.82 -16.77
N LEU A 34 33.39 -26.05 -17.09
CA LEU A 34 32.59 -26.29 -18.28
C LEU A 34 33.33 -25.89 -19.57
N VAL A 35 34.06 -24.78 -19.51
CA VAL A 35 34.91 -24.43 -20.65
C VAL A 35 35.87 -25.60 -20.96
N LEU A 36 36.47 -26.13 -19.90
CA LEU A 36 37.41 -27.23 -20.05
C LEU A 36 36.75 -28.49 -20.61
N GLU A 37 35.57 -28.84 -20.09
CA GLU A 37 34.86 -30.02 -20.55
C GLU A 37 34.46 -29.90 -22.02
N LYS A 38 33.99 -28.73 -22.41
CA LYS A 38 33.65 -28.52 -23.81
C LYS A 38 34.88 -28.64 -24.70
N LYS A 39 36.03 -28.11 -24.27
CA LYS A 39 37.24 -28.28 -25.05
C LYS A 39 37.64 -29.74 -25.19
N LEU A 40 37.53 -30.49 -24.08
CA LEU A 40 37.88 -31.91 -24.08
C LEU A 40 36.99 -32.69 -25.05
N ARG A 41 35.70 -32.39 -25.00
CA ARG A 41 34.74 -33.05 -25.85
C ARG A 41 35.01 -32.75 -27.31
N ILE A 42 35.29 -31.48 -27.61
CA ILE A 42 35.64 -31.08 -28.98
C ILE A 42 36.90 -31.82 -29.49
N GLN A 43 37.89 -31.99 -28.61
CA GLN A 43 39.14 -32.67 -28.98
C GLN A 43 38.87 -34.16 -29.27
N VAL A 44 38.13 -34.81 -28.36
CA VAL A 44 37.77 -36.20 -28.53
C VAL A 44 36.96 -36.44 -29.81
N GLU A 45 36.01 -35.55 -30.10
CA GLU A 45 35.18 -35.76 -31.28
C GLU A 45 35.99 -35.58 -32.55
N LYS A 46 36.92 -34.62 -32.53
CA LYS A 46 37.78 -34.41 -33.69
C LYS A 46 38.69 -35.62 -33.94
N GLU A 47 39.25 -36.19 -32.88
CA GLU A 47 40.01 -37.43 -33.05
C GLU A 47 39.12 -38.57 -33.57
N MET A 48 37.88 -38.64 -33.10
CA MET A 48 36.98 -39.72 -33.53
C MET A 48 36.69 -39.61 -35.02
N GLU A 49 36.43 -38.39 -35.48
CA GLU A 49 36.27 -38.12 -36.90
C GLU A 49 37.53 -38.58 -37.69
N SER A 50 38.70 -38.25 -37.15
CA SER A 50 39.94 -38.64 -37.83
C SER A 50 40.03 -40.17 -37.96
N VAL A 51 39.71 -40.86 -36.87
CA VAL A 51 39.74 -42.31 -36.82
C VAL A 51 38.74 -42.92 -37.80
N LYS A 52 37.57 -42.31 -37.94
CA LYS A 52 36.55 -42.87 -38.82
C LYS A 52 36.81 -42.50 -40.30
N THR A 53 37.76 -41.61 -40.54
CA THR A 53 38.20 -41.39 -41.91
C THR A 53 39.67 -41.83 -42.10
N LYS A 54 40.02 -43.02 -41.60
CA LYS A 54 41.40 -43.49 -41.67
C LYS A 54 41.66 -44.30 -42.96
N VAL B 7 16.84 5.82 -0.21
CA VAL B 7 15.62 5.03 -0.39
C VAL B 7 15.62 3.79 0.53
N HIS B 8 14.42 3.28 0.81
CA HIS B 8 14.21 2.28 1.86
C HIS B 8 15.01 0.96 1.68
N TRP B 9 15.48 0.40 2.79
CA TRP B 9 16.38 -0.75 2.77
C TRP B 9 15.75 -1.97 2.09
N SER B 10 14.43 -2.05 2.15
CA SER B 10 13.72 -3.20 1.62
C SER B 10 13.96 -3.39 0.13
N ILE B 11 14.20 -2.28 -0.58
CA ILE B 11 14.37 -2.36 -2.04
C ILE B 11 15.67 -3.09 -2.38
N VAL B 12 16.73 -2.64 -1.74
CA VAL B 12 18.03 -3.25 -1.89
C VAL B 12 18.02 -4.70 -1.37
N TYR B 13 17.38 -4.90 -0.23
CA TYR B 13 17.22 -6.24 0.33
C TYR B 13 16.59 -7.23 -0.67
N ARG B 14 15.47 -6.82 -1.25
CA ARG B 14 14.83 -7.64 -2.28
C ARG B 14 15.76 -7.90 -3.47
N GLN B 15 16.55 -6.90 -3.85
CA GLN B 15 17.51 -7.11 -4.94
C GLN B 15 18.49 -8.23 -4.62
N LEU B 16 18.94 -8.29 -3.38
CA LEU B 16 19.81 -9.38 -2.95
C LEU B 16 19.11 -10.74 -2.99
N GLY B 17 17.82 -10.77 -2.63
CA GLY B 17 17.08 -12.00 -2.67
C GLY B 17 16.94 -12.53 -4.08
N ASN B 18 16.60 -11.62 -4.99
CA ASN B 18 16.48 -11.96 -6.40
C ASN B 18 17.79 -12.49 -6.98
N LEU B 19 18.91 -11.87 -6.55
CA LEU B 19 20.23 -12.36 -6.94
C LEU B 19 20.47 -13.79 -6.42
N LEU B 20 20.13 -14.06 -5.18
CA LEU B 20 20.24 -15.44 -4.70
C LEU B 20 19.37 -16.43 -5.51
N GLU B 21 18.18 -16.02 -5.93
CA GLU B 21 17.34 -16.91 -6.76
C GLU B 21 18.09 -17.25 -8.06
N GLN B 22 18.60 -16.19 -8.71
CA GLN B 22 19.37 -16.38 -9.94
C GLN B 22 20.60 -17.28 -9.75
N TYR B 23 21.36 -17.07 -8.69
CA TYR B 23 22.51 -17.92 -8.37
C TYR B 23 22.14 -19.38 -8.21
N GLU B 24 21.06 -19.64 -7.46
CA GLU B 24 20.71 -21.01 -7.18
C GLU B 24 20.35 -21.73 -8.50
N VAL B 25 19.54 -21.07 -9.34
CA VAL B 25 19.11 -21.69 -10.60
C VAL B 25 20.28 -21.85 -11.59
N GLU B 26 21.19 -20.86 -11.59
CA GLU B 26 22.34 -20.88 -12.50
C GLU B 26 23.28 -22.03 -12.14
N ILE B 27 23.48 -22.23 -10.84
CA ILE B 27 24.28 -23.36 -10.37
C ILE B 27 23.65 -24.69 -10.79
N ALA B 28 22.34 -24.83 -10.59
CA ALA B 28 21.65 -26.03 -11.04
C ALA B 28 21.86 -26.29 -12.53
N ARG B 29 21.73 -25.23 -13.33
CA ARG B 29 21.83 -25.39 -14.76
C ARG B 29 23.27 -25.79 -15.17
N LEU B 30 24.27 -25.17 -14.54
CA LEU B 30 25.68 -25.46 -14.87
C LEU B 30 26.08 -26.88 -14.49
N LYS B 31 25.64 -27.34 -13.32
CA LYS B 31 25.88 -28.72 -12.94
C LYS B 31 25.23 -29.69 -13.91
N SER B 32 23.99 -29.42 -14.29
CA SER B 32 23.29 -30.29 -15.24
C SER B 32 24.09 -30.40 -16.55
N GLN B 33 24.51 -29.24 -17.04
CA GLN B 33 25.28 -29.21 -18.28
C GLN B 33 26.66 -29.90 -18.16
N LEU B 34 27.27 -29.82 -16.98
CA LEU B 34 28.57 -30.47 -16.73
C LEU B 34 28.48 -31.99 -16.70
N VAL B 35 27.57 -32.50 -15.89
CA VAL B 35 27.34 -33.94 -15.87
C VAL B 35 27.06 -34.46 -17.31
N LEU B 36 26.21 -33.74 -18.05
CA LEU B 36 25.90 -34.21 -19.41
C LEU B 36 27.10 -34.20 -20.38
N GLU B 37 27.80 -33.08 -20.47
CA GLU B 37 28.92 -32.97 -21.40
C GLU B 37 30.00 -33.99 -21.08
N LYS B 38 30.20 -34.27 -19.81
CA LYS B 38 31.17 -35.31 -19.47
C LYS B 38 30.68 -36.72 -19.88
N LYS B 39 29.43 -37.02 -19.59
CA LYS B 39 28.85 -38.31 -19.98
C LYS B 39 29.02 -38.60 -21.48
N LEU B 40 28.64 -37.61 -22.28
CA LEU B 40 28.70 -37.75 -23.73
C LEU B 40 30.14 -37.91 -24.21
N ARG B 41 31.03 -37.09 -23.63
CA ARG B 41 32.43 -37.18 -24.00
C ARG B 41 33.04 -38.58 -23.70
N ILE B 42 32.75 -39.12 -22.52
CA ILE B 42 33.24 -40.46 -22.17
C ILE B 42 32.70 -41.53 -23.15
N GLN B 43 31.42 -41.40 -23.53
CA GLN B 43 30.86 -42.33 -24.53
C GLN B 43 31.69 -42.34 -25.80
N VAL B 44 31.99 -41.15 -26.33
CA VAL B 44 32.82 -41.12 -27.54
C VAL B 44 34.25 -41.65 -27.31
N GLU B 45 34.84 -41.37 -26.14
CA GLU B 45 36.20 -41.85 -25.87
C GLU B 45 36.25 -43.40 -25.91
N LYS B 46 35.26 -44.04 -25.29
CA LYS B 46 35.11 -45.50 -25.32
C LYS B 46 34.83 -46.09 -26.72
N GLU B 47 33.88 -45.50 -27.44
CA GLU B 47 33.61 -45.97 -28.81
C GLU B 47 34.87 -45.87 -29.66
N MET B 48 35.64 -44.83 -29.42
CA MET B 48 36.84 -44.60 -30.23
C MET B 48 37.89 -45.65 -29.93
N GLU B 49 38.05 -46.00 -28.65
CA GLU B 49 39.08 -46.98 -28.33
C GLU B 49 38.66 -48.33 -28.91
N SER B 50 37.38 -48.63 -28.79
CA SER B 50 36.84 -49.87 -29.36
C SER B 50 37.06 -49.94 -30.89
N VAL B 51 36.76 -48.85 -31.59
CA VAL B 51 36.96 -48.80 -33.04
C VAL B 51 38.43 -48.94 -33.40
N LYS B 52 39.32 -48.30 -32.62
CA LYS B 52 40.76 -48.41 -32.86
C LYS B 52 41.22 -49.86 -32.78
N THR B 53 40.78 -50.59 -31.75
CA THR B 53 41.21 -51.96 -31.54
C THR B 53 40.57 -52.95 -32.51
N LYS B 54 39.67 -52.47 -33.37
CA LYS B 54 39.16 -53.28 -34.47
C LYS B 54 40.02 -53.07 -35.70
N GLN B 55 41.33 -53.18 -35.52
CA GLN B 55 42.28 -52.99 -36.62
C GLN B 55 43.65 -53.54 -36.24
N SER C 6 25.64 -5.20 -12.60
CA SER C 6 26.15 -3.85 -12.66
C SER C 6 27.03 -3.51 -11.46
N VAL C 7 26.41 -2.96 -10.40
CA VAL C 7 27.10 -2.73 -9.14
C VAL C 7 27.16 -4.03 -8.37
N HIS C 8 28.36 -4.42 -7.95
CA HIS C 8 28.55 -5.68 -7.24
C HIS C 8 27.71 -5.73 -5.98
N TRP C 9 27.14 -6.88 -5.70
CA TRP C 9 26.26 -7.08 -4.55
C TRP C 9 26.92 -6.71 -3.22
N SER C 10 28.25 -6.83 -3.12
CA SER C 10 28.94 -6.53 -1.84
C SER C 10 28.76 -5.10 -1.38
N ILE C 11 28.56 -4.19 -2.33
CA ILE C 11 28.37 -2.78 -2.02
C ILE C 11 27.08 -2.62 -1.23
N VAL C 12 25.98 -3.02 -1.86
CA VAL C 12 24.66 -2.96 -1.27
C VAL C 12 24.59 -3.77 0.04
N TYR C 13 25.22 -4.94 0.04
CA TYR C 13 25.25 -5.78 1.25
C TYR C 13 25.94 -5.06 2.42
N ARG C 14 27.04 -4.36 2.12
CA ARG C 14 27.72 -3.52 3.12
C ARG C 14 26.85 -2.38 3.64
N GLN C 15 26.13 -1.71 2.74
CA GLN C 15 25.19 -0.66 3.14
C GLN C 15 24.18 -1.18 4.16
N LEU C 16 23.68 -2.39 3.91
CA LEU C 16 22.78 -3.03 4.86
C LEU C 16 23.43 -3.30 6.19
N GLY C 17 24.67 -3.77 6.17
CA GLY C 17 25.35 -3.98 7.46
C GLY C 17 25.51 -2.68 8.24
N ASN C 18 25.79 -1.60 7.50
CA ASN C 18 25.99 -0.27 8.11
C ASN C 18 24.69 0.23 8.74
N LEU C 19 23.59 0.03 8.02
CA LEU C 19 22.27 0.36 8.53
C LEU C 19 21.97 -0.41 9.81
N LEU C 20 22.25 -1.72 9.84
CA LEU C 20 22.06 -2.46 11.09
C LEU C 20 22.94 -1.94 12.25
N GLU C 21 24.19 -1.58 11.98
CA GLU C 21 25.03 -0.98 13.02
C GLU C 21 24.39 0.28 13.62
N GLN C 22 24.00 1.19 12.73
CA GLN C 22 23.25 2.38 13.11
C GLN C 22 22.00 2.09 13.95
N TYR C 23 21.16 1.15 13.47
CA TYR C 23 19.97 0.71 14.19
C TYR C 23 20.28 0.24 15.59
N GLU C 24 21.32 -0.59 15.73
CA GLU C 24 21.59 -1.11 17.06
C GLU C 24 21.99 0.05 18.00
N VAL C 25 22.86 0.93 17.52
CA VAL C 25 23.35 2.00 18.40
C VAL C 25 22.21 2.98 18.74
N GLU C 26 21.40 3.31 17.75
CA GLU C 26 20.24 4.17 17.94
C GLU C 26 19.25 3.60 18.94
N ILE C 27 19.00 2.30 18.85
CA ILE C 27 18.12 1.66 19.82
C ILE C 27 18.68 1.78 21.24
N ALA C 28 19.98 1.49 21.40
CA ALA C 28 20.63 1.67 22.70
C ALA C 28 20.46 3.09 23.26
N ARG C 29 20.67 4.08 22.39
CA ARG C 29 20.61 5.47 22.78
C ARG C 29 19.20 5.84 23.22
N LEU C 30 18.23 5.44 22.40
CA LEU C 30 16.84 5.79 22.66
C LEU C 30 16.33 5.15 23.94
N LYS C 31 16.71 3.90 24.17
CA LYS C 31 16.32 3.25 25.42
C LYS C 31 16.97 3.92 26.63
N SER C 32 18.24 4.30 26.49
CA SER C 32 18.93 5.04 27.55
C SER C 32 18.12 6.29 27.96
N GLN C 33 17.77 7.05 26.92
CA GLN C 33 17.13 8.31 27.08
C GLN C 33 15.69 8.19 27.64
N LEU C 34 14.96 7.21 27.16
CA LEU C 34 13.60 6.96 27.61
C LEU C 34 13.58 6.52 29.08
N VAL C 35 14.43 5.56 29.41
CA VAL C 35 14.57 5.14 30.82
C VAL C 35 14.88 6.35 31.73
N LEU C 36 15.85 7.18 31.32
CA LEU C 36 16.21 8.35 32.12
C LEU C 36 15.05 9.35 32.27
N GLU C 37 14.38 9.67 31.17
CA GLU C 37 13.31 10.67 31.21
C GLU C 37 12.19 10.21 32.14
N LYS C 38 11.85 8.94 32.03
CA LYS C 38 10.80 8.41 32.89
C LYS C 38 11.24 8.46 34.35
N LYS C 39 12.49 8.06 34.61
CA LYS C 39 13.01 8.08 35.98
C LYS C 39 12.95 9.48 36.65
N LEU C 40 13.38 10.50 35.92
CA LEU C 40 13.38 11.86 36.44
C LEU C 40 11.96 12.38 36.63
N ARG C 41 11.13 12.10 35.63
CA ARG C 41 9.72 12.51 35.72
C ARG C 41 9.05 11.96 36.98
N ILE C 42 9.28 10.68 37.24
CA ILE C 42 8.67 10.04 38.39
C ILE C 42 9.23 10.60 39.68
N GLN C 43 10.52 10.93 39.69
CA GLN C 43 11.08 11.62 40.85
C GLN C 43 10.27 12.87 41.18
N VAL C 44 9.99 13.64 40.14
CA VAL C 44 9.31 14.89 40.37
C VAL C 44 7.84 14.67 40.75
N GLU C 45 7.22 13.61 40.22
CA GLU C 45 5.83 13.28 40.58
C GLU C 45 5.68 12.88 42.04
N LYS C 46 6.54 11.97 42.50
CA LYS C 46 6.57 11.62 43.92
C LYS C 46 6.83 12.84 44.81
N GLU C 47 7.83 13.65 44.44
CA GLU C 47 8.13 14.85 45.21
C GLU C 47 6.90 15.78 45.32
N MET C 48 6.22 15.98 44.20
CA MET C 48 5.08 16.89 44.13
C MET C 48 3.93 16.36 44.96
N GLU C 49 3.75 15.04 44.96
CA GLU C 49 2.74 14.40 45.78
C GLU C 49 2.97 14.70 47.26
N SER C 50 4.15 14.32 47.74
CA SER C 50 4.48 14.48 49.15
C SER C 50 4.41 15.94 49.59
N VAL C 51 4.78 16.85 48.69
CA VAL C 51 4.71 18.28 49.00
C VAL C 51 3.26 18.76 49.09
N LYS C 52 2.45 18.43 48.10
CA LYS C 52 1.07 18.92 48.07
C LYS C 52 0.22 18.39 49.22
N THR C 53 0.49 17.18 49.70
CA THR C 53 -0.27 16.72 50.87
C THR C 53 0.10 17.52 52.12
N LYS C 54 1.26 18.17 52.10
CA LYS C 54 1.77 18.89 53.27
C LYS C 54 1.30 20.36 53.35
N GLN C 55 0.86 20.91 52.23
CA GLN C 55 0.35 22.28 52.22
C GLN C 55 -0.95 22.37 53.02
N SER D 6 22.19 -29.26 5.44
CA SER D 6 22.40 -27.81 5.43
C SER D 6 21.06 -27.06 5.46
N VAL D 7 21.13 -25.74 5.58
CA VAL D 7 19.94 -24.89 5.58
C VAL D 7 19.85 -24.07 4.30
N HIS D 8 18.69 -24.13 3.64
CA HIS D 8 18.49 -23.38 2.40
C HIS D 8 18.68 -21.88 2.64
N TRP D 9 19.23 -21.19 1.64
CA TRP D 9 19.68 -19.80 1.80
C TRP D 9 18.54 -18.87 2.19
N SER D 10 17.32 -19.28 1.84
CA SER D 10 16.16 -18.44 2.03
C SER D 10 15.78 -18.36 3.51
N ILE D 11 16.18 -19.35 4.31
CA ILE D 11 15.97 -19.27 5.77
C ILE D 11 16.78 -18.11 6.40
N VAL D 12 18.06 -18.06 6.07
CA VAL D 12 18.95 -17.02 6.57
C VAL D 12 18.52 -15.64 6.04
N TYR D 13 18.24 -15.61 4.74
CA TYR D 13 17.81 -14.39 4.10
C TYR D 13 16.55 -13.84 4.81
N ARG D 14 15.56 -14.70 5.10
CA ARG D 14 14.36 -14.23 5.79
C ARG D 14 14.63 -13.79 7.22
N GLN D 15 15.54 -14.49 7.92
CA GLN D 15 15.91 -14.12 9.27
C GLN D 15 16.44 -12.68 9.29
N LEU D 16 17.31 -12.37 8.33
CA LEU D 16 17.87 -11.03 8.26
C LEU D 16 16.79 -9.99 7.96
N GLY D 17 15.92 -10.28 6.99
CA GLY D 17 14.85 -9.35 6.67
C GLY D 17 13.97 -9.06 7.88
N ASN D 18 13.70 -10.12 8.64
CA ASN D 18 12.96 -10.00 9.89
C ASN D 18 13.66 -9.11 10.91
N LEU D 19 14.97 -9.29 11.11
CA LEU D 19 15.74 -8.43 12.03
C LEU D 19 15.71 -6.96 11.63
N LEU D 20 15.95 -6.71 10.35
CA LEU D 20 15.84 -5.35 9.83
C LEU D 20 14.46 -4.73 10.15
N GLU D 21 13.40 -5.49 9.88
CA GLU D 21 12.05 -4.98 10.15
C GLU D 21 11.82 -4.70 11.63
N GLN D 22 12.14 -5.68 12.48
CA GLN D 22 12.03 -5.53 13.93
C GLN D 22 12.72 -4.28 14.44
N TYR D 23 13.95 -4.02 13.98
CA TYR D 23 14.69 -2.85 14.43
C TYR D 23 14.01 -1.57 13.97
N GLU D 24 13.57 -1.53 12.71
CA GLU D 24 12.92 -0.32 12.24
C GLU D 24 11.65 0.00 13.07
N VAL D 25 10.88 -1.05 13.32
CA VAL D 25 9.67 -0.94 14.12
C VAL D 25 9.96 -0.48 15.57
N GLU D 26 11.00 -1.07 16.16
CA GLU D 26 11.40 -0.79 17.53
C GLU D 26 11.85 0.67 17.68
N ILE D 27 12.53 1.20 16.68
CA ILE D 27 12.95 2.59 16.72
C ILE D 27 11.73 3.52 16.65
N ALA D 28 10.80 3.22 15.76
CA ALA D 28 9.56 4.02 15.71
C ALA D 28 8.79 4.03 17.04
N ARG D 29 8.70 2.85 17.66
CA ARG D 29 8.05 2.69 18.96
C ARG D 29 8.75 3.48 20.08
N LEU D 30 10.07 3.32 20.19
CA LEU D 30 10.82 4.04 21.20
C LEU D 30 10.71 5.55 21.02
N LYS D 31 10.76 6.00 19.77
CA LYS D 31 10.61 7.43 19.51
C LYS D 31 9.23 7.97 19.94
N SER D 32 8.16 7.25 19.60
CA SER D 32 6.83 7.77 19.94
C SER D 32 6.64 7.78 21.48
N GLN D 33 7.16 6.75 22.12
CA GLN D 33 7.12 6.69 23.58
C GLN D 33 7.89 7.87 24.20
N LEU D 34 9.06 8.17 23.65
CA LEU D 34 9.88 9.27 24.16
C LEU D 34 9.16 10.62 23.96
N VAL D 35 8.45 10.78 22.86
CA VAL D 35 7.60 11.97 22.70
C VAL D 35 6.60 12.15 23.85
N LEU D 36 5.84 11.08 24.12
CA LEU D 36 4.89 11.16 25.24
C LEU D 36 5.57 11.45 26.60
N GLU D 37 6.68 10.76 26.87
CA GLU D 37 7.36 10.88 28.15
C GLU D 37 7.94 12.28 28.36
N LYS D 38 8.42 12.90 27.29
CA LYS D 38 8.95 14.27 27.41
C LYS D 38 7.80 15.23 27.66
N LYS D 39 6.67 15.05 26.96
CA LYS D 39 5.52 15.92 27.24
C LYS D 39 5.09 15.84 28.71
N LEU D 40 4.98 14.61 29.22
CA LEU D 40 4.53 14.43 30.60
C LEU D 40 5.54 15.03 31.56
N ARG D 41 6.82 14.83 31.29
CA ARG D 41 7.84 15.42 32.14
C ARG D 41 7.75 16.95 32.18
N ILE D 42 7.62 17.58 31.02
CA ILE D 42 7.52 19.03 30.96
C ILE D 42 6.29 19.52 31.76
N GLN D 43 5.15 18.87 31.54
CA GLN D 43 3.92 19.19 32.25
C GLN D 43 4.09 19.09 33.76
N VAL D 44 4.65 17.96 34.20
CA VAL D 44 4.90 17.69 35.62
C VAL D 44 5.79 18.76 36.27
N GLU D 45 6.87 19.14 35.58
CA GLU D 45 7.81 20.13 36.13
C GLU D 45 7.20 21.55 36.18
N LYS D 46 6.37 21.87 35.18
CA LYS D 46 5.69 23.16 35.20
C LYS D 46 4.69 23.17 36.35
N GLU D 47 4.01 22.06 36.57
CA GLU D 47 3.08 21.97 37.70
C GLU D 47 3.81 22.14 39.03
N MET D 48 4.98 21.52 39.14
CA MET D 48 5.77 21.57 40.35
C MET D 48 6.25 22.99 40.62
N GLU D 49 6.59 23.72 39.57
CA GLU D 49 6.99 25.10 39.74
C GLU D 49 5.84 25.95 40.28
N SER D 50 4.61 25.62 39.87
CA SER D 50 3.43 26.37 40.30
C SER D 50 2.88 25.88 41.63
N VAL D 51 3.56 24.93 42.26
CA VAL D 51 3.24 24.55 43.63
C VAL D 51 4.27 25.18 44.56
N LYS D 52 5.52 25.24 44.10
CA LYS D 52 6.59 25.90 44.86
C LYS D 52 6.51 27.43 44.76
N THR D 53 5.30 27.99 44.88
CA THR D 53 5.10 29.43 44.81
C THR D 53 4.01 29.89 45.79
N SER E 6 -32.54 16.88 -16.97
CA SER E 6 -33.96 16.67 -17.23
C SER E 6 -34.59 15.80 -16.14
N VAL E 7 -33.83 14.82 -15.65
CA VAL E 7 -34.26 13.93 -14.58
C VAL E 7 -34.04 14.58 -13.21
N HIS E 8 -35.00 14.44 -12.29
CA HIS E 8 -34.87 15.00 -10.95
C HIS E 8 -33.68 14.37 -10.23
N TRP E 9 -32.97 15.17 -9.43
CA TRP E 9 -31.74 14.69 -8.80
C TRP E 9 -32.00 13.48 -7.90
N SER E 10 -33.16 13.43 -7.26
CA SER E 10 -33.47 12.32 -6.35
C SER E 10 -33.41 10.95 -7.05
N ILE E 11 -33.81 10.91 -8.32
CA ILE E 11 -33.76 9.66 -9.07
C ILE E 11 -32.32 9.23 -9.34
N VAL E 12 -31.50 10.12 -9.88
CA VAL E 12 -30.11 9.75 -10.17
C VAL E 12 -29.38 9.39 -8.87
N TYR E 13 -29.68 10.12 -7.80
CA TYR E 13 -29.05 9.88 -6.51
C TYR E 13 -29.42 8.52 -5.94
N ARG E 14 -30.71 8.18 -6.06
CA ARG E 14 -31.21 6.88 -5.66
C ARG E 14 -30.52 5.76 -6.44
N GLN E 15 -30.47 5.87 -7.76
CA GLN E 15 -29.95 4.75 -8.53
C GLN E 15 -28.43 4.62 -8.34
N LEU E 16 -27.78 5.74 -8.03
CA LEU E 16 -26.37 5.70 -7.63
C LEU E 16 -26.17 4.94 -6.30
N GLY E 17 -27.09 5.17 -5.36
CA GLY E 17 -27.10 4.39 -4.12
C GLY E 17 -27.30 2.90 -4.39
N ASN E 18 -28.18 2.60 -5.33
CA ASN E 18 -28.46 1.23 -5.74
C ASN E 18 -27.21 0.55 -6.29
N LEU E 19 -26.54 1.22 -7.22
CA LEU E 19 -25.28 0.74 -7.79
C LEU E 19 -24.24 0.48 -6.69
N LEU E 20 -24.15 1.40 -5.74
CA LEU E 20 -23.24 1.19 -4.61
C LEU E 20 -23.57 -0.09 -3.83
N GLU E 21 -24.85 -0.30 -3.52
CA GLU E 21 -25.24 -1.54 -2.84
C GLU E 21 -24.83 -2.77 -3.65
N GLN E 22 -25.06 -2.71 -4.97
CA GLN E 22 -24.74 -3.84 -5.85
C GLN E 22 -23.25 -4.16 -5.78
N TYR E 23 -22.43 -3.10 -5.74
CA TYR E 23 -20.98 -3.27 -5.66
C TYR E 23 -20.54 -3.89 -4.34
N GLU E 24 -21.11 -3.41 -3.23
CA GLU E 24 -20.71 -3.98 -1.95
C GLU E 24 -21.06 -5.47 -1.90
N VAL E 25 -22.23 -5.86 -2.39
CA VAL E 25 -22.57 -7.29 -2.31
C VAL E 25 -21.76 -8.14 -3.29
N GLU E 26 -21.50 -7.61 -4.48
CA GLU E 26 -20.70 -8.31 -5.47
C GLU E 26 -19.31 -8.60 -4.91
N ILE E 27 -18.72 -7.59 -4.27
CA ILE E 27 -17.41 -7.73 -3.63
C ILE E 27 -17.43 -8.73 -2.47
N ALA E 28 -18.46 -8.66 -1.64
CA ALA E 28 -18.62 -9.64 -0.56
C ALA E 28 -18.61 -11.08 -1.08
N ARG E 29 -19.37 -11.29 -2.15
CA ARG E 29 -19.52 -12.58 -2.81
C ARG E 29 -18.17 -13.09 -3.35
N LEU E 30 -17.48 -12.22 -4.08
CA LEU E 30 -16.18 -12.58 -4.64
C LEU E 30 -15.16 -12.89 -3.54
N LYS E 31 -15.16 -12.09 -2.50
CA LYS E 31 -14.25 -12.32 -1.38
C LYS E 31 -14.47 -13.68 -0.74
N SER E 32 -15.71 -14.02 -0.43
CA SER E 32 -15.94 -15.31 0.25
C SER E 32 -15.63 -16.49 -0.69
N GLN E 33 -15.94 -16.32 -1.97
CA GLN E 33 -15.62 -17.33 -2.97
C GLN E 33 -14.11 -17.56 -3.04
N LEU E 34 -13.35 -16.47 -2.96
CA LEU E 34 -11.91 -16.53 -3.06
C LEU E 34 -11.29 -17.12 -1.79
N VAL E 35 -11.80 -16.77 -0.61
CA VAL E 35 -11.24 -17.35 0.60
C VAL E 35 -11.50 -18.88 0.61
N LEU E 36 -12.67 -19.28 0.13
CA LEU E 36 -12.98 -20.71 0.06
C LEU E 36 -12.05 -21.44 -0.93
N GLU E 37 -11.95 -20.90 -2.14
CA GLU E 37 -11.09 -21.44 -3.17
C GLU E 37 -9.63 -21.59 -2.70
N LYS E 38 -9.12 -20.55 -2.04
CA LYS E 38 -7.76 -20.59 -1.53
C LYS E 38 -7.62 -21.67 -0.46
N LYS E 39 -8.54 -21.67 0.49
CA LYS E 39 -8.54 -22.68 1.54
C LYS E 39 -8.46 -24.11 0.99
N LEU E 40 -9.29 -24.40 -0.01
CA LEU E 40 -9.29 -25.73 -0.61
C LEU E 40 -7.98 -26.04 -1.35
N ARG E 41 -7.43 -25.05 -2.08
CA ARG E 41 -6.12 -25.24 -2.73
C ARG E 41 -5.03 -25.59 -1.72
N ILE E 42 -4.91 -24.77 -0.69
CA ILE E 42 -3.92 -24.98 0.36
C ILE E 42 -4.05 -26.36 0.97
N GLN E 43 -5.30 -26.75 1.24
CA GLN E 43 -5.56 -28.10 1.74
C GLN E 43 -4.97 -29.19 0.81
N VAL E 44 -5.21 -29.05 -0.49
CA VAL E 44 -4.70 -30.11 -1.38
C VAL E 44 -3.19 -30.02 -1.51
N GLU E 45 -2.60 -28.82 -1.47
CA GLU E 45 -1.15 -28.70 -1.56
C GLU E 45 -0.45 -29.33 -0.35
N LYS E 46 -0.99 -29.11 0.84
CA LYS E 46 -0.46 -29.77 2.03
C LYS E 46 -0.61 -31.29 1.94
N GLU E 47 -1.78 -31.75 1.52
CA GLU E 47 -1.97 -33.19 1.33
C GLU E 47 -0.95 -33.77 0.34
N MET E 48 -0.73 -33.08 -0.78
CA MET E 48 0.20 -33.55 -1.80
C MET E 48 1.63 -33.50 -1.27
N GLU E 49 1.90 -32.56 -0.39
CA GLU E 49 3.21 -32.43 0.23
C GLU E 49 3.41 -33.49 1.31
N SER E 50 2.35 -34.21 1.67
CA SER E 50 2.50 -35.37 2.56
C SER E 50 3.39 -36.47 1.96
N VAL E 51 3.42 -36.59 0.64
CA VAL E 51 4.18 -37.66 -0.02
C VAL E 51 5.68 -37.56 0.26
N SER F 6 -17.21 23.92 7.93
CA SER F 6 -18.11 23.90 6.77
C SER F 6 -17.35 23.47 5.51
N VAL F 7 -17.54 22.21 5.12
CA VAL F 7 -16.81 21.62 4.00
C VAL F 7 -17.58 21.73 2.68
N HIS F 8 -16.86 22.10 1.62
CA HIS F 8 -17.45 22.26 0.30
C HIS F 8 -17.95 20.93 -0.26
N TRP F 9 -19.07 20.98 -0.98
CA TRP F 9 -19.72 19.78 -1.49
C TRP F 9 -18.84 18.96 -2.42
N SER F 10 -17.88 19.63 -3.08
CA SER F 10 -17.04 18.97 -4.08
C SER F 10 -16.11 17.96 -3.43
N ILE F 11 -15.82 18.15 -2.14
CA ILE F 11 -14.98 17.21 -1.43
C ILE F 11 -15.74 15.91 -1.11
N VAL F 12 -16.98 16.05 -0.66
CA VAL F 12 -17.86 14.91 -0.43
C VAL F 12 -18.07 14.13 -1.74
N TYR F 13 -18.45 14.88 -2.76
CA TYR F 13 -18.68 14.37 -4.10
C TYR F 13 -17.51 13.57 -4.66
N ARG F 14 -16.34 14.20 -4.66
CA ARG F 14 -15.13 13.53 -5.16
C ARG F 14 -14.80 12.29 -4.32
N GLN F 15 -15.05 12.36 -3.02
CA GLN F 15 -14.84 11.18 -2.17
C GLN F 15 -15.70 9.98 -2.63
N LEU F 16 -16.97 10.24 -2.91
CA LEU F 16 -17.87 9.18 -3.36
C LEU F 16 -17.43 8.59 -4.72
N GLY F 17 -17.05 9.47 -5.65
CA GLY F 17 -16.54 9.00 -6.94
C GLY F 17 -15.30 8.14 -6.80
N ASN F 18 -14.45 8.54 -5.86
CA ASN F 18 -13.29 7.76 -5.46
C ASN F 18 -13.66 6.33 -5.10
N LEU F 19 -14.63 6.23 -4.19
CA LEU F 19 -15.12 4.94 -3.73
C LEU F 19 -15.64 4.08 -4.88
N LEU F 20 -16.42 4.67 -5.77
CA LEU F 20 -16.95 3.88 -6.88
C LEU F 20 -15.83 3.35 -7.78
N GLU F 21 -14.83 4.20 -8.04
CA GLU F 21 -13.66 3.79 -8.83
C GLU F 21 -12.96 2.58 -8.22
N GLN F 22 -12.66 2.69 -6.93
CA GLN F 22 -11.89 1.63 -6.30
C GLN F 22 -12.71 0.33 -6.14
N TYR F 23 -14.03 0.46 -6.02
CA TYR F 23 -14.90 -0.72 -6.01
C TYR F 23 -14.90 -1.47 -7.36
N GLU F 24 -15.03 -0.72 -8.46
CA GLU F 24 -14.95 -1.34 -9.77
C GLU F 24 -13.61 -2.09 -9.98
N VAL F 25 -12.51 -1.39 -9.65
CA VAL F 25 -11.19 -1.99 -9.79
C VAL F 25 -11.00 -3.21 -8.87
N GLU F 26 -11.56 -3.13 -7.66
CA GLU F 26 -11.52 -4.24 -6.70
C GLU F 26 -12.22 -5.47 -7.26
N ILE F 27 -13.39 -5.28 -7.86
CA ILE F 27 -14.12 -6.40 -8.45
C ILE F 27 -13.31 -7.05 -9.58
N ALA F 28 -12.72 -6.23 -10.45
CA ALA F 28 -11.87 -6.77 -11.51
C ALA F 28 -10.69 -7.59 -10.94
N ARG F 29 -10.09 -7.06 -9.88
CA ARG F 29 -8.97 -7.69 -9.21
C ARG F 29 -9.34 -9.06 -8.62
N LEU F 30 -10.45 -9.08 -7.88
CA LEU F 30 -10.93 -10.30 -7.25
C LEU F 30 -11.26 -11.37 -8.29
N LYS F 31 -11.86 -10.94 -9.40
CA LYS F 31 -12.15 -11.89 -10.48
C LYS F 31 -10.87 -12.48 -11.05
N SER F 32 -9.88 -11.62 -11.28
CA SER F 32 -8.56 -12.06 -11.73
C SER F 32 -7.94 -13.12 -10.80
N GLN F 33 -7.98 -12.83 -9.50
CA GLN F 33 -7.44 -13.73 -8.49
C GLN F 33 -8.21 -15.05 -8.47
N LEU F 34 -9.50 -14.99 -8.73
CA LEU F 34 -10.35 -16.17 -8.72
C LEU F 34 -10.03 -17.10 -9.91
N VAL F 35 -9.80 -16.48 -11.07
CA VAL F 35 -9.36 -17.22 -12.24
C VAL F 35 -8.06 -17.98 -11.94
N LEU F 36 -7.13 -17.24 -11.31
CA LEU F 36 -5.84 -17.82 -10.96
C LEU F 36 -5.99 -18.99 -10.00
N GLU F 37 -6.82 -18.81 -8.97
CA GLU F 37 -6.94 -19.82 -7.93
C GLU F 37 -7.59 -21.08 -8.47
N LYS F 38 -8.57 -20.91 -9.35
CA LYS F 38 -9.17 -22.08 -10.00
C LYS F 38 -8.13 -22.85 -10.83
N LYS F 39 -7.37 -22.14 -11.66
CA LYS F 39 -6.36 -22.85 -12.46
C LYS F 39 -5.36 -23.61 -11.57
N LEU F 40 -4.92 -22.95 -10.50
CA LEU F 40 -3.98 -23.56 -9.56
C LEU F 40 -4.55 -24.79 -8.88
N ARG F 41 -5.81 -24.71 -8.50
CA ARG F 41 -6.46 -25.82 -7.83
C ARG F 41 -6.53 -27.03 -8.77
N ILE F 42 -6.96 -26.78 -10.02
CA ILE F 42 -6.96 -27.81 -11.07
C ILE F 42 -5.56 -28.46 -11.26
N GLN F 43 -4.52 -27.63 -11.36
CA GLN F 43 -3.13 -28.10 -11.49
C GLN F 43 -2.75 -29.03 -10.32
N VAL F 44 -2.99 -28.55 -9.11
CA VAL F 44 -2.63 -29.30 -7.91
C VAL F 44 -3.39 -30.63 -7.85
N GLU F 45 -4.65 -30.64 -8.28
CA GLU F 45 -5.46 -31.87 -8.31
C GLU F 45 -4.88 -32.87 -9.31
N LYS F 46 -4.50 -32.36 -10.49
CA LYS F 46 -3.85 -33.23 -11.47
C LYS F 46 -2.61 -33.91 -10.90
N GLU F 47 -1.70 -33.14 -10.31
CA GLU F 47 -0.49 -33.76 -9.74
C GLU F 47 -0.83 -34.72 -8.59
N MET F 48 -1.70 -34.27 -7.69
CA MET F 48 -2.17 -35.06 -6.55
C MET F 48 -2.74 -36.41 -6.98
N GLU F 49 -3.40 -36.43 -8.12
CA GLU F 49 -3.91 -37.67 -8.69
C GLU F 49 -2.76 -38.46 -9.31
N SER F 50 -1.77 -37.72 -9.81
CA SER F 50 -0.61 -38.33 -10.45
C SER F 50 0.40 -38.91 -9.45
N VAL F 51 0.10 -38.84 -8.16
CA VAL F 51 0.93 -39.55 -7.19
C VAL F 51 0.77 -41.08 -7.23
N LYS F 52 -0.33 -41.56 -7.80
CA LYS F 52 -0.66 -42.99 -7.77
C LYS F 52 0.30 -43.84 -8.61
N SER G 6 -26.56 -1.85 -17.29
CA SER G 6 -26.45 -1.31 -18.64
C SER G 6 -25.81 0.09 -18.64
N VAL G 7 -26.27 0.96 -17.75
CA VAL G 7 -25.72 2.30 -17.64
C VAL G 7 -24.54 2.34 -16.67
N HIS G 8 -23.35 2.67 -17.18
CA HIS G 8 -22.16 2.72 -16.35
C HIS G 8 -22.29 3.86 -15.32
N TRP G 9 -21.73 3.65 -14.14
CA TRP G 9 -21.96 4.55 -13.02
C TRP G 9 -21.37 5.94 -13.23
N SER G 10 -20.27 6.01 -13.97
CA SER G 10 -19.61 7.30 -14.21
C SER G 10 -20.54 8.29 -14.89
N ILE G 11 -21.44 7.79 -15.72
CA ILE G 11 -22.39 8.62 -16.45
C ILE G 11 -23.32 9.36 -15.48
N VAL G 12 -24.05 8.57 -14.70
CA VAL G 12 -24.92 9.03 -13.63
C VAL G 12 -24.21 9.99 -12.68
N TYR G 13 -23.01 9.58 -12.25
CA TYR G 13 -22.20 10.35 -11.31
C TYR G 13 -21.86 11.74 -11.87
N ARG G 14 -21.35 11.76 -13.09
CA ARG G 14 -21.04 13.03 -13.75
C ARG G 14 -22.27 13.93 -13.82
N GLN G 15 -23.40 13.37 -14.25
CA GLN G 15 -24.65 14.14 -14.31
C GLN G 15 -24.96 14.78 -12.95
N LEU G 16 -24.84 13.99 -11.90
CA LEU G 16 -25.09 14.48 -10.54
C LEU G 16 -24.17 15.66 -10.18
N GLY G 17 -22.88 15.53 -10.48
CA GLY G 17 -21.92 16.62 -10.24
C GLY G 17 -22.23 17.90 -11.01
N ASN G 18 -22.67 17.73 -12.24
CA ASN G 18 -23.15 18.84 -13.06
C ASN G 18 -24.32 19.57 -12.38
N LEU G 19 -25.27 18.78 -11.86
CA LEU G 19 -26.37 19.36 -11.11
C LEU G 19 -25.86 20.17 -9.92
N LEU G 20 -24.93 19.61 -9.15
CA LEU G 20 -24.38 20.34 -8.00
C LEU G 20 -23.71 21.67 -8.40
N GLU G 21 -22.94 21.68 -9.49
CA GLU G 21 -22.37 22.93 -10.00
C GLU G 21 -23.48 23.96 -10.28
N GLN G 22 -24.52 23.50 -10.99
CA GLN G 22 -25.66 24.36 -11.32
C GLN G 22 -26.29 24.95 -10.05
N TYR G 23 -26.55 24.10 -9.06
CA TYR G 23 -27.12 24.55 -7.81
C TYR G 23 -26.29 25.64 -7.15
N GLU G 24 -24.98 25.41 -7.04
CA GLU G 24 -24.12 26.40 -6.40
C GLU G 24 -24.19 27.76 -7.09
N VAL G 25 -24.15 27.74 -8.43
CA VAL G 25 -24.19 29.04 -9.14
C VAL G 25 -25.59 29.70 -9.07
N GLU G 26 -26.66 28.91 -9.08
CA GLU G 26 -28.03 29.42 -9.02
C GLU G 26 -28.32 30.06 -7.66
N ILE G 27 -27.93 29.37 -6.59
CA ILE G 27 -27.99 29.91 -5.25
C ILE G 27 -27.22 31.22 -5.15
N ALA G 28 -26.00 31.23 -5.71
CA ALA G 28 -25.16 32.42 -5.70
C ALA G 28 -25.79 33.63 -6.40
N ARG G 29 -26.41 33.37 -7.56
CA ARG G 29 -27.14 34.39 -8.30
C ARG G 29 -28.31 34.96 -7.50
N LEU G 30 -29.20 34.06 -7.04
CA LEU G 30 -30.39 34.45 -6.27
C LEU G 30 -30.02 35.25 -5.03
N LYS G 31 -28.98 34.80 -4.34
CA LYS G 31 -28.49 35.49 -3.16
C LYS G 31 -28.02 36.90 -3.52
N SER G 32 -27.32 37.04 -4.64
CA SER G 32 -26.85 38.37 -5.02
C SER G 32 -28.02 39.31 -5.36
N GLN G 33 -28.97 38.84 -6.17
CA GLN G 33 -30.18 39.63 -6.47
C GLN G 33 -30.88 40.07 -5.19
N LEU G 34 -30.93 39.17 -4.22
CA LEU G 34 -31.66 39.43 -3.00
C LEU G 34 -30.98 40.49 -2.15
N VAL G 35 -29.67 40.35 -1.97
CA VAL G 35 -28.96 41.30 -1.13
C VAL G 35 -28.94 42.69 -1.80
N LEU G 36 -28.91 42.72 -3.14
CA LEU G 36 -29.03 43.99 -3.86
C LEU G 36 -30.42 44.65 -3.68
N GLU G 37 -31.49 43.92 -4.03
CA GLU G 37 -32.85 44.45 -3.87
C GLU G 37 -33.10 44.97 -2.46
N LYS G 38 -32.59 44.23 -1.49
CA LYS G 38 -32.70 44.62 -0.09
C LYS G 38 -31.90 45.89 0.18
N LYS G 39 -30.68 45.96 -0.32
CA LYS G 39 -29.84 47.13 -0.14
C LYS G 39 -30.55 48.39 -0.62
N LEU G 40 -31.17 48.29 -1.79
CA LEU G 40 -31.90 49.40 -2.39
C LEU G 40 -33.15 49.80 -1.60
N ARG G 41 -33.93 48.79 -1.19
CA ARG G 41 -35.12 49.08 -0.40
C ARG G 41 -34.76 49.75 0.93
N ILE G 42 -33.82 49.16 1.65
CA ILE G 42 -33.32 49.68 2.92
C ILE G 42 -32.86 51.13 2.73
N GLN G 43 -32.17 51.37 1.62
CA GLN G 43 -31.72 52.72 1.31
C GLN G 43 -32.89 53.73 1.17
N VAL G 44 -33.95 53.34 0.45
CA VAL G 44 -35.09 54.25 0.34
C VAL G 44 -35.80 54.40 1.68
N GLU G 45 -35.67 53.41 2.56
CA GLU G 45 -36.26 53.52 3.90
C GLU G 45 -35.48 54.49 4.81
N LYS G 46 -34.15 54.45 4.71
CA LYS G 46 -33.29 55.30 5.51
C LYS G 46 -33.29 56.75 5.02
N GLU G 47 -33.39 56.95 3.71
CA GLU G 47 -33.52 58.32 3.20
C GLU G 47 -34.85 58.95 3.62
N MET G 48 -35.85 58.10 3.88
CA MET G 48 -37.20 58.56 4.20
C MET G 48 -37.30 59.12 5.63
N GLU G 49 -36.24 58.95 6.41
CA GLU G 49 -36.19 59.46 7.77
C GLU G 49 -35.44 60.78 7.85
N VAL H 7 -15.93 5.41 7.98
CA VAL H 7 -15.27 5.16 6.69
C VAL H 7 -16.25 4.56 5.67
N HIS H 8 -17.39 4.05 6.13
CA HIS H 8 -18.32 3.34 5.25
C HIS H 8 -18.95 4.29 4.23
N TRP H 9 -19.15 3.80 3.00
CA TRP H 9 -19.57 4.66 1.91
C TRP H 9 -20.93 5.32 2.13
N SER H 10 -21.74 4.75 3.01
CA SER H 10 -23.11 5.22 3.21
C SER H 10 -23.10 6.57 3.94
N ILE H 11 -22.07 6.78 4.75
CA ILE H 11 -21.84 8.05 5.42
C ILE H 11 -21.68 9.21 4.43
N VAL H 12 -20.69 9.05 3.56
CA VAL H 12 -20.41 9.98 2.48
C VAL H 12 -21.63 10.20 1.60
N TYR H 13 -22.24 9.09 1.20
CA TYR H 13 -23.42 9.08 0.34
C TYR H 13 -24.54 9.92 0.94
N ARG H 14 -24.78 9.74 2.23
CA ARG H 14 -25.84 10.47 2.92
C ARG H 14 -25.51 11.94 3.01
N GLN H 15 -24.28 12.27 3.40
CA GLN H 15 -23.89 13.67 3.51
C GLN H 15 -24.18 14.37 2.19
N LEU H 16 -23.90 13.67 1.09
CA LEU H 16 -24.18 14.27 -0.20
C LEU H 16 -25.68 14.47 -0.44
N GLY H 17 -26.48 13.44 -0.12
CA GLY H 17 -27.94 13.53 -0.27
C GLY H 17 -28.54 14.70 0.51
N ASN H 18 -28.06 14.87 1.74
CA ASN H 18 -28.43 15.96 2.62
C ASN H 18 -28.05 17.33 2.05
N LEU H 19 -26.85 17.43 1.48
CA LEU H 19 -26.48 18.66 0.78
C LEU H 19 -27.44 18.98 -0.35
N LEU H 20 -27.77 17.97 -1.16
CA LEU H 20 -28.70 18.19 -2.29
C LEU H 20 -30.09 18.66 -1.84
N GLU H 21 -30.59 18.06 -0.77
CA GLU H 21 -31.87 18.44 -0.19
C GLU H 21 -31.82 19.89 0.29
N GLN H 22 -30.80 20.17 1.10
CA GLN H 22 -30.58 21.53 1.59
C GLN H 22 -30.59 22.52 0.43
N TYR H 23 -29.93 22.18 -0.67
CA TYR H 23 -29.81 23.11 -1.79
C TYR H 23 -31.14 23.34 -2.47
N GLU H 24 -31.93 22.27 -2.63
CA GLU H 24 -33.23 22.41 -3.25
C GLU H 24 -34.14 23.35 -2.42
N VAL H 25 -34.18 23.11 -1.12
CA VAL H 25 -34.98 23.94 -0.23
C VAL H 25 -34.49 25.39 -0.24
N GLU H 26 -33.17 25.57 -0.21
CA GLU H 26 -32.56 26.90 -0.21
C GLU H 26 -32.89 27.70 -1.47
N ILE H 27 -32.83 27.05 -2.63
CA ILE H 27 -33.22 27.71 -3.88
C ILE H 27 -34.71 28.13 -3.84
N ALA H 28 -35.59 27.22 -3.43
CA ALA H 28 -37.02 27.57 -3.35
C ALA H 28 -37.26 28.80 -2.43
N ARG H 29 -36.70 28.70 -1.22
CA ARG H 29 -36.71 29.77 -0.23
C ARG H 29 -36.23 31.13 -0.78
N LEU H 30 -35.06 31.14 -1.40
CA LEU H 30 -34.53 32.37 -1.97
C LEU H 30 -35.41 32.94 -3.09
N LYS H 31 -35.97 32.09 -3.94
CA LYS H 31 -36.88 32.58 -4.97
C LYS H 31 -38.08 33.31 -4.35
N SER H 32 -38.64 32.67 -3.33
CA SER H 32 -39.77 33.24 -2.58
C SER H 32 -39.44 34.59 -1.88
N GLN H 33 -38.29 34.63 -1.22
CA GLN H 33 -37.81 35.85 -0.59
C GLN H 33 -37.55 36.96 -1.61
N LEU H 34 -37.16 36.58 -2.81
CA LEU H 34 -36.91 37.59 -3.84
C LEU H 34 -38.23 38.18 -4.34
N VAL H 35 -39.23 37.33 -4.56
CA VAL H 35 -40.61 37.82 -4.84
C VAL H 35 -41.06 38.86 -3.78
N LEU H 36 -40.98 38.46 -2.50
CA LEU H 36 -41.37 39.35 -1.41
C LEU H 36 -40.59 40.65 -1.39
N GLU H 37 -39.29 40.56 -1.61
CA GLU H 37 -38.44 41.73 -1.52
C GLU H 37 -38.77 42.71 -2.64
N LYS H 38 -39.04 42.16 -3.82
CA LYS H 38 -39.45 42.99 -4.96
C LYS H 38 -40.77 43.74 -4.69
N LYS H 39 -41.71 43.12 -3.98
CA LYS H 39 -42.91 43.88 -3.56
C LYS H 39 -42.59 45.00 -2.54
N LEU H 40 -41.86 44.62 -1.51
CA LEU H 40 -41.53 45.53 -0.44
C LEU H 40 -40.80 46.78 -0.95
N ARG H 41 -39.96 46.59 -1.96
CA ARG H 41 -39.24 47.72 -2.56
C ARG H 41 -40.18 48.77 -3.13
N ILE H 42 -41.13 48.30 -3.91
CA ILE H 42 -42.13 49.14 -4.52
C ILE H 42 -42.88 49.93 -3.44
N GLN H 43 -43.37 49.21 -2.43
CA GLN H 43 -44.07 49.88 -1.33
C GLN H 43 -43.23 51.00 -0.67
N VAL H 44 -41.96 50.73 -0.41
CA VAL H 44 -41.10 51.73 0.23
C VAL H 44 -40.93 52.96 -0.67
N GLU H 45 -40.81 52.73 -1.98
CA GLU H 45 -40.77 53.87 -2.90
C GLU H 45 -42.07 54.69 -2.85
N LYS H 46 -43.21 53.99 -2.76
CA LYS H 46 -44.52 54.64 -2.63
C LYS H 46 -44.61 55.55 -1.38
N GLU H 47 -44.21 55.01 -0.24
CA GLU H 47 -44.14 55.76 1.03
C GLU H 47 -43.15 56.92 0.96
N MET H 48 -42.08 56.74 0.20
CA MET H 48 -41.13 57.82 -0.01
C MET H 48 -41.81 58.96 -0.76
N GLU H 49 -42.49 58.63 -1.85
CA GLU H 49 -43.27 59.62 -2.60
C GLU H 49 -44.25 60.37 -1.71
N SER H 50 -44.98 59.64 -0.87
CA SER H 50 -46.00 60.30 -0.04
C SER H 50 -45.40 61.15 1.07
N VAL H 51 -44.21 60.79 1.58
CA VAL H 51 -43.52 61.63 2.59
C VAL H 51 -43.06 62.98 2.02
N LYS H 52 -42.53 62.98 0.80
CA LYS H 52 -42.07 64.19 0.13
C LYS H 52 -43.21 65.13 -0.31
N THR H 53 -44.46 64.70 -0.17
CA THR H 53 -45.61 65.48 -0.61
C THR H 53 -46.64 65.76 0.51
N LYS H 54 -46.33 65.34 1.72
CA LYS H 54 -47.24 65.55 2.86
C LYS H 54 -46.46 65.84 4.14
C1 EDO I . 30.29 -19.08 -23.99
O1 EDO I . 31.44 -19.84 -24.42
C2 EDO I . 30.26 -17.73 -24.67
O2 EDO I . 31.48 -17.01 -24.41
C1 EDO J . 37.94 -21.75 -36.95
O1 EDO J . 37.10 -20.59 -36.79
C2 EDO J . 38.55 -22.15 -35.61
O2 EDO J . 39.42 -21.11 -35.12
C1 EDO K . 33.02 -6.00 8.86
O1 EDO K . 33.74 -5.35 9.91
C2 EDO K . 31.77 -5.23 8.49
O2 EDO K . 30.59 -5.95 8.87
C1 EDO L . 13.98 -14.14 -2.19
O1 EDO L . 13.82 -13.09 -3.14
C2 EDO L . 12.82 -14.17 -1.21
O2 EDO L . 11.67 -13.57 -1.82
C1 EDO M . 23.19 -15.16 -11.99
O1 EDO M . 23.27 -13.74 -12.14
C2 EDO M . 23.97 -15.89 -13.08
O2 EDO M . 25.37 -15.83 -12.83
C1 EDO N . 16.43 3.15 5.31
O1 EDO N . 15.20 2.42 5.27
C2 EDO N . 17.18 2.85 4.01
O2 EDO N . 18.41 3.58 3.96
C1 EDO O . 21.52 -6.45 -6.47
O1 EDO O . 22.49 -7.41 -6.90
C2 EDO O . 22.23 -5.30 -5.79
O2 EDO O . 23.28 -4.82 -6.65
C1 EDO P . 20.19 0.99 3.29
O1 EDO P . 21.21 1.98 3.44
C2 EDO P . 20.48 0.13 2.05
O2 EDO P . 20.84 0.98 0.97
C1 EDO Q . 26.84 -8.23 -9.18
O1 EDO Q . 26.81 -9.05 -8.00
C2 EDO Q . 25.40 -7.97 -9.62
O2 EDO Q . 24.65 -7.47 -8.51
C1 EDO R . 28.67 -4.10 7.53
O1 EDO R . 28.45 -4.05 8.95
C2 EDO R . 29.55 -2.95 7.03
O2 EDO R . 30.12 -3.31 5.77
C1 EDO S . 19.21 -3.84 19.19
O1 EDO S . 19.01 -5.08 19.89
C2 EDO S . 19.60 -4.13 17.74
O2 EDO S . 20.42 -5.29 17.69
C1 EDO T . -22.97 29.88 -1.27
O1 EDO T . -23.70 31.07 -1.55
C2 EDO T . -23.66 28.67 -1.91
O2 EDO T . -23.75 28.86 -3.32
C1 EDO U . -44.09 32.78 -4.69
O1 EDO U . -45.21 33.65 -4.50
C2 EDO U . -43.36 32.61 -3.37
O2 EDO U . -43.62 33.78 -2.58
#